data_5WK2
#
_entry.id   5WK2
#
_cell.length_a   53.740
_cell.length_b   64.920
_cell.length_c   73.790
_cell.angle_alpha   90.00
_cell.angle_beta   107.29
_cell.angle_gamma   90.00
#
_symmetry.space_group_name_H-M   'P 1 21 1'
#
loop_
_entity.id
_entity.type
_entity.pdbx_description
1 polymer 'M116 LIGHT CHAIN'
2 polymer 'M116 HEAVY CHAIN'
3 non-polymer '4-(2-HYDROXYETHYL)-1-PIPERAZINE ETHANESULFONIC ACID'
4 non-polymer GLYCEROL
5 water water
#
loop_
_entity_poly.entity_id
_entity_poly.type
_entity_poly.pdbx_seq_one_letter_code
_entity_poly.pdbx_strand_id
1 'polypeptide(L)'
;DIVMTQSPDSLAVSLGERATINCKSSQSVLLSPWNSNQLAWYQQKPGQPPKLLIYGASTRESGVPDRFSGSGSGTDFTLT
ISSLQAEDVAVYYCQQYYLIPSTFGQGTKVEIKRTVAAPSVFIFPPSDEQLKSGTASVVCLLNNFYPREAKVQWKVDNAL
QSGNSQESVTEQDSKDSTYSLSSTLTLSKADYEKHKVYACEVTHQGLSSPVTKSFNRGEC
;
L
2 'polypeptide(L)'
;EVQLVQSGAEVKKPGESLKISCKGSGYSFTSYWIGWVRQMPGKGLEWMGIIDPSDSDTRYSPSFQGQVTISADKSISTAY
LQWSSLKASDTAMYYCARVGPADVWDSFDYWGQGTLVTVSSASTKGPSVFPLAPSSKSTSGGTAALGCLVKDYFPEPVTV
SWNSGALTSGVHTFPAVLQSSGLYSLSSVVTVPSSSLGTQTYICNVNHKPSNTKVDKKVEPKSCHHHHHH
;
H
#
loop_
_chem_comp.id
_chem_comp.type
_chem_comp.name
_chem_comp.formula
EPE non-polymer '4-(2-HYDROXYETHYL)-1-PIPERAZINE ETHANESULFONIC ACID' 'C8 H18 N2 O4 S'
GOL non-polymer GLYCEROL 'C3 H8 O3'
#
# COMPACT_ATOMS: atom_id res chain seq x y z
N ASP A 1 12.69 26.50 3.40
CA ASP A 1 12.62 25.01 3.41
C ASP A 1 13.34 24.45 2.18
N ILE A 2 13.42 23.13 2.09
CA ILE A 2 13.98 22.48 0.91
C ILE A 2 13.00 21.45 0.39
N VAL A 3 12.66 21.58 -0.90
CA VAL A 3 11.77 20.65 -1.57
C VAL A 3 12.61 19.62 -2.33
N MET A 4 12.29 18.35 -2.11
CA MET A 4 12.96 17.23 -2.75
C MET A 4 12.03 16.65 -3.81
N THR A 5 12.53 16.54 -5.05
CA THR A 5 11.73 16.06 -6.17
C THR A 5 12.44 14.87 -6.82
N GLN A 6 11.77 13.72 -6.85
CA GLN A 6 12.33 12.53 -7.47
C GLN A 6 11.78 12.33 -8.88
N SER A 7 12.56 11.62 -9.70
CA SER A 7 12.14 11.27 -11.05
C SER A 7 12.82 9.96 -11.46
N PRO A 8 12.07 9.05 -12.10
CA PRO A 8 10.64 9.15 -12.42
C PRO A 8 9.81 8.77 -11.19
N ASP A 9 8.48 8.83 -11.29
CA ASP A 9 7.63 8.36 -10.21
C ASP A 9 7.64 6.84 -10.15
N SER A 10 7.72 6.21 -11.33
CA SER A 10 7.79 4.76 -11.46
C SER A 10 8.82 4.35 -12.51
N LEU A 11 9.59 3.31 -12.21
CA LEU A 11 10.63 2.81 -13.11
C LEU A 11 10.53 1.29 -13.25
N ALA A 12 10.41 0.81 -14.49
CA ALA A 12 10.38 -0.63 -14.76
C ALA A 12 11.70 -1.02 -15.39
N VAL A 13 12.39 -1.98 -14.76
CA VAL A 13 13.71 -2.43 -15.21
C VAL A 13 13.73 -3.97 -15.33
N SER A 14 14.39 -4.46 -16.38
CA SER A 14 14.59 -5.90 -16.55
C SER A 14 15.49 -6.43 -15.44
N LEU A 15 15.14 -7.60 -14.90
CA LEU A 15 15.97 -8.28 -13.90
C LEU A 15 17.41 -8.41 -14.42
N GLY A 16 18.37 -8.05 -13.58
CA GLY A 16 19.78 -8.08 -13.94
C GLY A 16 20.31 -6.87 -14.70
N GLU A 17 19.42 -5.94 -15.06
CA GLU A 17 19.86 -4.70 -15.73
C GLU A 17 19.94 -3.49 -14.78
N ARG A 18 20.44 -2.37 -15.31
CA ARG A 18 20.72 -1.16 -14.53
C ARG A 18 19.46 -0.35 -14.25
N ALA A 19 19.30 0.05 -12.99
CA ALA A 19 18.23 0.97 -12.60
C ALA A 19 18.83 2.28 -12.08
N THR A 20 18.27 3.40 -12.53
CA THR A 20 18.76 4.74 -12.20
C THR A 20 17.61 5.63 -11.73
N ILE A 21 17.73 6.17 -10.52
CA ILE A 21 16.72 7.08 -9.94
C ILE A 21 17.34 8.44 -9.60
N ASN A 22 16.63 9.51 -9.94
CA ASN A 22 17.07 10.88 -9.73
C ASN A 22 16.35 11.57 -8.56
N CYS A 23 17.10 12.42 -7.85
CA CYS A 23 16.56 13.26 -6.79
C CYS A 23 17.16 14.65 -6.93
N LYS A 24 16.29 15.65 -6.96
CA LYS A 24 16.72 17.04 -6.98
C LYS A 24 16.32 17.77 -5.71
N SER A 25 17.23 18.59 -5.17
CA SER A 25 16.87 19.48 -4.07
C SER A 25 16.69 20.91 -4.59
N SER A 26 15.83 21.69 -3.93
CA SER A 26 15.55 23.07 -4.34
C SER A 26 16.67 24.04 -3.98
N GLN A 27 17.52 23.63 -3.04
CA GLN A 27 18.70 24.39 -2.60
C GLN A 27 19.82 23.39 -2.39
N SER A 28 21.06 23.88 -2.35
CA SER A 28 22.19 23.05 -2.06
C SER A 28 22.09 22.42 -0.67
N VAL A 29 22.47 21.14 -0.61
CA VAL A 29 22.53 20.43 0.66
C VAL A 29 23.99 20.13 1.03
N LEU A 30 24.90 20.90 0.44
CA LEU A 30 26.31 20.71 0.75
C LEU A 30 26.69 21.42 2.04
N LEU A 31 27.21 20.64 2.98
CA LEU A 31 27.64 21.14 4.27
C LEU A 31 29.14 21.43 4.27
N SER A 32 29.49 22.71 4.26
CA SER A 32 30.88 23.18 4.38
C SER A 32 31.18 23.52 5.85
N PRO A 33 32.45 23.36 6.28
CA PRO A 33 33.64 23.02 5.51
C PRO A 33 33.92 21.52 5.34
N TRP A 34 33.04 20.67 5.87
CA TRP A 34 33.17 19.21 5.72
C TRP A 34 33.03 18.82 4.24
N ASN A 35 32.42 19.70 3.45
CA ASN A 35 32.05 19.44 2.05
C ASN A 35 31.34 18.09 1.84
N SER A 36 30.30 17.86 2.65
CA SER A 36 29.50 16.63 2.57
CA SER A 36 29.50 16.64 2.57
C SER A 36 28.05 16.97 2.21
N ASN A 37 27.52 16.28 1.22
CA ASN A 37 26.12 16.46 0.84
C ASN A 37 25.20 15.70 1.79
N GLN A 38 24.33 16.45 2.47
CA GLN A 38 23.48 15.90 3.50
C GLN A 38 22.22 15.28 2.89
N LEU A 39 22.43 14.11 2.26
CA LEU A 39 21.44 13.48 1.39
C LEU A 39 21.47 11.98 1.67
N ALA A 40 20.30 11.40 1.94
CA ALA A 40 20.18 9.96 2.21
C ALA A 40 19.22 9.32 1.23
N TRP A 41 19.42 8.02 1.00
CA TRP A 41 18.47 7.22 0.22
C TRP A 41 17.98 6.08 1.09
N TYR A 42 16.66 5.84 1.05
CA TYR A 42 16.01 4.73 1.76
C TYR A 42 15.29 3.83 0.80
N GLN A 43 15.26 2.55 1.17
CA GLN A 43 14.48 1.53 0.47
C GLN A 43 13.31 1.12 1.37
N GLN A 44 12.12 1.04 0.78
CA GLN A 44 10.96 0.52 1.52
C GLN A 44 10.21 -0.56 0.73
N LYS A 45 10.16 -1.75 1.31
CA LYS A 45 9.40 -2.87 0.75
C LYS A 45 7.98 -2.88 1.35
N PRO A 46 6.99 -3.48 0.64
CA PRO A 46 5.63 -3.39 1.14
C PRO A 46 5.47 -4.01 2.54
N GLY A 47 4.74 -3.32 3.41
CA GLY A 47 4.53 -3.78 4.79
C GLY A 47 5.70 -3.58 5.74
N GLN A 48 6.82 -3.12 5.21
CA GLN A 48 8.04 -2.95 6.01
C GLN A 48 8.39 -1.47 6.23
N PRO A 49 9.13 -1.17 7.31
CA PRO A 49 9.65 0.17 7.51
C PRO A 49 10.72 0.48 6.46
N PRO A 50 10.99 1.78 6.20
CA PRO A 50 12.11 2.11 5.32
C PRO A 50 13.45 1.67 5.92
N LYS A 51 14.43 1.46 5.05
CA LYS A 51 15.77 1.04 5.46
C LYS A 51 16.78 2.00 4.82
N LEU A 52 17.70 2.51 5.64
CA LEU A 52 18.75 3.36 5.12
C LEU A 52 19.71 2.56 4.20
N LEU A 53 19.90 3.05 2.98
CA LEU A 53 20.85 2.44 2.02
C LEU A 53 22.13 3.25 1.86
N ILE A 54 21.95 4.55 1.67
CA ILE A 54 23.06 5.47 1.36
C ILE A 54 22.89 6.72 2.21
N TYR A 55 23.99 7.21 2.78
CA TYR A 55 24.00 8.52 3.43
C TYR A 55 25.16 9.35 2.87
N GLY A 56 25.15 10.65 3.16
CA GLY A 56 26.16 11.56 2.61
C GLY A 56 26.28 11.49 1.09
N ALA A 57 25.13 11.28 0.44
CA ALA A 57 25.00 11.16 -1.01
C ALA A 57 25.61 9.90 -1.65
N SER A 58 26.76 9.47 -1.15
CA SER A 58 27.53 8.42 -1.84
C SER A 58 28.06 7.30 -0.94
N THR A 59 27.84 7.39 0.38
CA THR A 59 28.33 6.38 1.30
C THR A 59 27.30 5.30 1.58
N ARG A 60 27.65 4.07 1.19
CA ARG A 60 26.84 2.90 1.43
C ARG A 60 26.80 2.58 2.92
N GLU A 61 25.60 2.33 3.44
CA GLU A 61 25.43 1.83 4.81
C GLU A 61 26.01 0.42 4.95
N SER A 62 26.40 0.07 6.17
CA SER A 62 26.95 -1.25 6.49
C SER A 62 25.94 -2.36 6.16
N GLY A 63 26.40 -3.38 5.45
CA GLY A 63 25.56 -4.52 5.07
C GLY A 63 24.83 -4.37 3.74
N VAL A 64 24.92 -3.19 3.14
CA VAL A 64 24.27 -2.89 1.86
C VAL A 64 25.14 -3.38 0.69
N PRO A 65 24.54 -4.19 -0.21
CA PRO A 65 25.25 -4.77 -1.38
C PRO A 65 25.89 -3.74 -2.29
N ASP A 66 27.05 -4.11 -2.87
CA ASP A 66 27.84 -3.23 -3.73
C ASP A 66 27.14 -2.72 -4.99
N ARG A 67 26.08 -3.41 -5.41
CA ARG A 67 25.34 -3.00 -6.61
C ARG A 67 24.60 -1.64 -6.44
N PHE A 68 24.41 -1.23 -5.19
CA PHE A 68 23.83 0.08 -4.86
C PHE A 68 24.92 1.15 -4.79
N SER A 69 24.74 2.23 -5.54
CA SER A 69 25.64 3.38 -5.43
C SER A 69 24.90 4.70 -5.53
N GLY A 70 25.39 5.69 -4.78
CA GLY A 70 24.85 7.03 -4.86
C GLY A 70 25.84 8.01 -5.44
N SER A 71 25.34 8.98 -6.20
CA SER A 71 26.18 10.00 -6.79
C SER A 71 25.48 11.34 -6.86
N GLY A 72 26.23 12.35 -7.29
CA GLY A 72 25.70 13.70 -7.45
C GLY A 72 26.16 14.62 -6.35
N SER A 73 25.81 15.90 -6.49
CA SER A 73 26.19 16.92 -5.51
C SER A 73 25.35 18.19 -5.61
N GLY A 74 25.24 18.89 -4.49
CA GLY A 74 24.54 20.17 -4.44
C GLY A 74 23.04 20.04 -4.49
N THR A 75 22.50 19.94 -5.70
CA THR A 75 21.04 19.85 -5.92
C THR A 75 20.58 18.72 -6.85
N ASP A 76 21.52 17.89 -7.31
CA ASP A 76 21.17 16.81 -8.24
C ASP A 76 21.84 15.51 -7.83
N PHE A 77 21.05 14.47 -7.56
CA PHE A 77 21.56 13.23 -7.01
C PHE A 77 20.97 12.04 -7.74
N THR A 78 21.71 10.93 -7.73
CA THR A 78 21.29 9.72 -8.41
C THR A 78 21.58 8.48 -7.57
N LEU A 79 20.60 7.56 -7.52
CA LEU A 79 20.83 6.24 -6.96
C LEU A 79 20.87 5.25 -8.11
N THR A 80 21.90 4.43 -8.14
CA THR A 80 22.06 3.41 -9.17
C THR A 80 22.04 2.02 -8.55
N ILE A 81 21.28 1.11 -9.15
CA ILE A 81 21.40 -0.32 -8.88
C ILE A 81 21.98 -0.90 -10.17
N SER A 82 23.21 -1.38 -10.11
CA SER A 82 23.94 -1.79 -11.31
C SER A 82 23.30 -3.02 -11.97
N SER A 83 22.78 -3.92 -11.14
CA SER A 83 22.12 -5.13 -11.61
C SER A 83 20.90 -5.44 -10.74
N LEU A 84 19.72 -5.11 -11.25
CA LEU A 84 18.49 -5.24 -10.47
C LEU A 84 18.17 -6.69 -10.08
N GLN A 85 18.07 -6.93 -8.78
CA GLN A 85 17.69 -8.23 -8.24
C GLN A 85 16.22 -8.21 -7.85
N ALA A 86 15.60 -9.39 -7.79
CA ALA A 86 14.20 -9.50 -7.40
C ALA A 86 13.91 -8.88 -6.02
N GLU A 87 14.88 -8.97 -5.10
CA GLU A 87 14.74 -8.36 -3.77
C GLU A 87 14.90 -6.83 -3.77
N ASP A 88 15.26 -6.26 -4.92
CA ASP A 88 15.42 -4.79 -5.03
C ASP A 88 14.14 -4.07 -5.42
N VAL A 89 13.10 -4.84 -5.75
CA VAL A 89 11.78 -4.28 -6.08
C VAL A 89 11.21 -3.63 -4.82
N ALA A 90 10.98 -2.32 -4.89
CA ALA A 90 10.65 -1.53 -3.70
C ALA A 90 10.38 -0.08 -4.09
N VAL A 91 9.98 0.74 -3.12
CA VAL A 91 9.93 2.20 -3.31
C VAL A 91 11.18 2.81 -2.66
N TYR A 92 11.81 3.74 -3.37
CA TYR A 92 13.03 4.38 -2.90
C TYR A 92 12.74 5.85 -2.64
N TYR A 93 13.22 6.34 -1.51
CA TYR A 93 13.05 7.74 -1.09
C TYR A 93 14.38 8.38 -0.87
N CYS A 94 14.51 9.61 -1.37
CA CYS A 94 15.63 10.45 -0.95
C CYS A 94 15.17 11.36 0.20
N GLN A 95 16.14 11.88 0.94
CA GLN A 95 15.85 12.78 2.05
C GLN A 95 17.02 13.74 2.21
N GLN A 96 16.73 15.03 2.40
CA GLN A 96 17.80 15.94 2.85
C GLN A 96 17.76 16.11 4.36
N TYR A 97 18.95 16.15 4.96
CA TYR A 97 19.09 16.45 6.38
C TYR A 97 20.11 17.56 6.60
N TYR A 98 20.19 18.44 5.61
CA TYR A 98 20.97 19.67 5.69
C TYR A 98 20.40 20.64 6.72
N LEU A 99 19.07 20.74 6.77
CA LEU A 99 18.45 21.61 7.76
C LEU A 99 17.17 21.01 8.30
N ILE A 100 16.54 21.68 9.25
CA ILE A 100 15.22 21.24 9.69
C ILE A 100 14.16 22.24 9.21
N PRO A 101 12.99 21.71 8.79
N PRO A 101 12.97 21.77 8.80
CA PRO A 101 12.65 20.26 8.60
CA PRO A 101 12.52 20.40 8.78
C PRO A 101 13.49 19.44 7.59
C PRO A 101 13.31 19.63 7.76
N SER A 102 13.69 18.15 7.89
N SER A 102 13.78 18.46 8.13
CA SER A 102 14.54 17.23 7.11
CA SER A 102 14.25 17.55 7.13
C SER A 102 13.74 16.38 6.07
C SER A 102 13.05 17.32 6.22
N THR A 103 13.32 17.06 5.01
N THR A 103 13.34 16.91 4.99
CA THR A 103 12.29 16.63 4.04
C THR A 103 12.65 15.45 3.14
N PHE A 104 11.61 14.68 2.80
CA PHE A 104 11.72 13.55 1.89
C PHE A 104 11.25 13.89 0.49
N GLY A 105 11.86 13.21 -0.48
CA GLY A 105 11.29 13.13 -1.83
C GLY A 105 10.01 12.30 -1.81
N GLN A 106 9.27 12.34 -2.91
CA GLN A 106 7.94 11.71 -2.96
C GLN A 106 7.96 10.19 -3.18
N GLY A 107 9.15 9.64 -3.44
CA GLY A 107 9.32 8.21 -3.70
C GLY A 107 9.32 7.85 -5.17
N THR A 108 10.09 6.82 -5.50
CA THR A 108 10.13 6.23 -6.82
C THR A 108 9.95 4.73 -6.66
N LYS A 109 8.91 4.20 -7.31
CA LYS A 109 8.61 2.77 -7.27
C LYS A 109 9.40 2.07 -8.37
N VAL A 110 10.23 1.10 -7.98
CA VAL A 110 10.98 0.32 -8.95
C VAL A 110 10.31 -1.04 -9.12
N GLU A 111 9.95 -1.34 -10.37
CA GLU A 111 9.21 -2.54 -10.72
C GLU A 111 9.98 -3.36 -11.76
N ILE A 112 9.53 -4.58 -11.99
CA ILE A 112 10.17 -5.49 -12.95
C ILE A 112 9.54 -5.26 -14.32
N LYS A 113 10.38 -5.00 -15.30
CA LYS A 113 9.91 -4.87 -16.68
C LYS A 113 9.73 -6.24 -17.30
N ARG A 114 8.65 -6.38 -18.06
CA ARG A 114 8.36 -7.60 -18.80
C ARG A 114 7.64 -7.25 -20.10
N THR A 115 7.33 -8.27 -20.90
CA THR A 115 6.62 -8.06 -22.15
C THR A 115 5.19 -7.65 -21.88
N VAL A 116 4.61 -6.92 -22.83
CA VAL A 116 3.20 -6.55 -22.77
C VAL A 116 2.30 -7.80 -22.73
N ALA A 117 1.33 -7.81 -21.82
CA ALA A 117 0.33 -8.86 -21.76
C ALA A 117 -1.05 -8.22 -21.69
N ALA A 118 -1.93 -8.60 -22.59
CA ALA A 118 -3.32 -8.16 -22.52
C ALA A 118 -4.03 -8.82 -21.34
N PRO A 119 -4.96 -8.10 -20.70
CA PRO A 119 -5.72 -8.78 -19.64
C PRO A 119 -6.70 -9.80 -20.20
N SER A 120 -6.92 -10.87 -19.43
CA SER A 120 -8.09 -11.70 -19.63
C SER A 120 -9.22 -11.12 -18.79
N VAL A 121 -10.37 -10.91 -19.42
CA VAL A 121 -11.46 -10.18 -18.76
C VAL A 121 -12.63 -11.10 -18.45
N PHE A 122 -13.16 -10.97 -17.23
CA PHE A 122 -14.31 -11.77 -16.77
C PHE A 122 -15.29 -10.88 -16.04
N ILE A 123 -16.58 -11.16 -16.21
CA ILE A 123 -17.62 -10.44 -15.51
C ILE A 123 -18.44 -11.42 -14.66
N PHE A 124 -18.82 -10.97 -13.47
CA PHE A 124 -19.60 -11.78 -12.53
C PHE A 124 -20.86 -11.05 -12.08
N PRO A 125 -22.05 -11.64 -12.34
CA PRO A 125 -23.28 -11.09 -11.77
C PRO A 125 -23.32 -11.19 -10.25
N PRO A 126 -24.19 -10.43 -9.60
CA PRO A 126 -24.37 -10.63 -8.16
C PRO A 126 -24.97 -12.01 -7.88
N SER A 127 -24.61 -12.60 -6.75
CA SER A 127 -25.20 -13.85 -6.31
C SER A 127 -26.66 -13.62 -5.85
N ASP A 128 -27.49 -14.66 -6.00
CA ASP A 128 -28.84 -14.61 -5.45
C ASP A 128 -28.83 -14.40 -3.93
N GLU A 129 -27.86 -15.01 -3.25
CA GLU A 129 -27.64 -14.82 -1.81
C GLU A 129 -27.51 -13.33 -1.45
N GLN A 130 -26.64 -12.60 -2.17
CA GLN A 130 -26.48 -11.17 -1.90
C GLN A 130 -27.74 -10.36 -2.20
N LEU A 131 -28.41 -10.72 -3.30
CA LEU A 131 -29.62 -10.02 -3.71
C LEU A 131 -30.72 -10.05 -2.64
N LYS A 132 -30.80 -11.15 -1.89
CA LYS A 132 -31.72 -11.27 -0.76
C LYS A 132 -31.59 -10.15 0.27
N SER A 133 -30.36 -9.63 0.39
CA SER A 133 -30.04 -8.60 1.38
C SER A 133 -30.26 -7.16 0.90
N GLY A 134 -30.65 -6.98 -0.36
CA GLY A 134 -31.01 -5.66 -0.89
C GLY A 134 -29.96 -4.91 -1.70
N THR A 135 -28.82 -5.55 -1.91
CA THR A 135 -27.71 -4.95 -2.66
C THR A 135 -27.18 -5.90 -3.73
N ALA A 136 -26.63 -5.33 -4.78
CA ALA A 136 -26.08 -6.05 -5.90
C ALA A 136 -24.67 -5.54 -6.17
N SER A 137 -23.69 -6.45 -6.14
CA SER A 137 -22.33 -6.12 -6.53
C SER A 137 -22.05 -6.84 -7.82
N VAL A 138 -21.68 -6.10 -8.86
CA VAL A 138 -21.28 -6.67 -10.12
C VAL A 138 -19.78 -6.51 -10.20
N VAL A 139 -19.07 -7.61 -10.50
CA VAL A 139 -17.59 -7.59 -10.47
C VAL A 139 -16.99 -7.82 -11.84
N CYS A 140 -16.01 -7.00 -12.21
CA CYS A 140 -15.25 -7.19 -13.44
C CYS A 140 -13.79 -7.46 -13.06
N LEU A 141 -13.23 -8.55 -13.57
CA LEU A 141 -11.86 -8.96 -13.27
C LEU A 141 -11.01 -8.82 -14.54
N LEU A 142 -9.86 -8.15 -14.40
CA LEU A 142 -8.86 -8.05 -15.46
C LEU A 142 -7.65 -8.80 -14.95
N ASN A 143 -7.35 -9.93 -15.57
CA ASN A 143 -6.35 -10.85 -15.04
C ASN A 143 -5.05 -10.87 -15.82
N ASN A 144 -3.96 -10.72 -15.07
CA ASN A 144 -2.58 -10.94 -15.56
C ASN A 144 -2.17 -10.09 -16.75
N PHE A 145 -2.21 -8.78 -16.58
CA PHE A 145 -1.84 -7.86 -17.64
C PHE A 145 -0.56 -7.09 -17.30
N TYR A 146 0.05 -6.53 -18.34
CA TYR A 146 1.22 -5.69 -18.19
C TYR A 146 1.30 -4.78 -19.40
N PRO A 147 1.59 -3.47 -19.21
CA PRO A 147 1.88 -2.79 -17.94
C PRO A 147 0.62 -2.44 -17.12
N ARG A 148 0.81 -1.73 -16.01
CA ARG A 148 -0.25 -1.46 -15.03
C ARG A 148 -1.43 -0.62 -15.55
N GLU A 149 -1.16 0.30 -16.48
CA GLU A 149 -2.18 1.20 -16.98
C GLU A 149 -3.35 0.44 -17.63
N ALA A 150 -4.56 0.65 -17.10
CA ALA A 150 -5.76 0.01 -17.65
C ALA A 150 -6.95 0.88 -17.30
N LYS A 151 -7.98 0.82 -18.14
CA LYS A 151 -9.21 1.57 -17.90
C LYS A 151 -10.42 0.63 -17.98
N VAL A 152 -11.27 0.70 -16.96
CA VAL A 152 -12.54 -0.02 -16.92
C VAL A 152 -13.68 0.99 -17.04
N GLN A 153 -14.60 0.74 -17.97
CA GLN A 153 -15.82 1.53 -18.12
C GLN A 153 -17.03 0.61 -17.89
N TRP A 154 -17.90 0.97 -16.96
CA TRP A 154 -19.14 0.23 -16.69
C TRP A 154 -20.32 0.85 -17.45
N LYS A 155 -21.12 0.00 -18.09
CA LYS A 155 -22.36 0.43 -18.72
C LYS A 155 -23.49 -0.52 -18.32
N VAL A 156 -24.65 0.07 -18.06
CA VAL A 156 -25.85 -0.69 -17.69
C VAL A 156 -26.86 -0.23 -18.72
N ASP A 157 -27.30 -1.17 -19.55
CA ASP A 157 -28.18 -0.86 -20.69
C ASP A 157 -27.68 0.38 -21.47
N ASN A 158 -26.38 0.37 -21.76
CA ASN A 158 -25.69 1.44 -22.49
C ASN A 158 -25.58 2.80 -21.78
N ALA A 159 -26.05 2.90 -20.53
CA ALA A 159 -25.85 4.10 -19.70
C ALA A 159 -24.50 3.99 -19.01
N LEU A 160 -23.63 4.97 -19.25
CA LEU A 160 -22.33 5.01 -18.59
C LEU A 160 -22.53 5.23 -17.08
N GLN A 161 -21.87 4.39 -16.27
CA GLN A 161 -21.96 4.46 -14.83
C GLN A 161 -20.79 5.24 -14.30
N SER A 162 -21.07 6.28 -13.51
CA SER A 162 -20.01 7.11 -12.96
C SER A 162 -20.23 7.36 -11.47
N GLY A 163 -19.21 7.02 -10.69
CA GLY A 163 -19.23 7.32 -9.25
C GLY A 163 -19.72 6.18 -8.36
N ASN A 164 -20.20 5.11 -8.99
CA ASN A 164 -20.78 3.99 -8.26
C ASN A 164 -19.98 2.70 -8.40
N SER A 165 -18.69 2.84 -8.73
CA SER A 165 -17.75 1.72 -8.76
C SER A 165 -16.47 2.03 -7.97
N GLN A 166 -15.81 0.97 -7.53
CA GLN A 166 -14.49 1.05 -6.89
C GLN A 166 -13.63 -0.06 -7.44
N GLU A 167 -12.33 0.19 -7.55
CA GLU A 167 -11.41 -0.82 -8.02
C GLU A 167 -10.17 -0.90 -7.17
N SER A 168 -9.49 -2.03 -7.26
CA SER A 168 -8.15 -2.15 -6.71
C SER A 168 -7.30 -3.04 -7.60
N VAL A 169 -5.99 -2.89 -7.44
CA VAL A 169 -5.01 -3.53 -8.28
C VAL A 169 -4.02 -4.27 -7.38
N THR A 170 -3.66 -5.49 -7.77
CA THR A 170 -2.63 -6.24 -7.07
C THR A 170 -1.24 -5.61 -7.30
N GLU A 171 -0.31 -5.97 -6.43
CA GLU A 171 1.09 -5.73 -6.72
C GLU A 171 1.57 -6.72 -7.77
N GLN A 172 2.71 -6.43 -8.39
CA GLN A 172 3.28 -7.33 -9.39
C GLN A 172 3.32 -8.76 -8.89
N ASP A 173 2.83 -9.67 -9.72
CA ASP A 173 2.73 -11.09 -9.36
C ASP A 173 4.10 -11.68 -9.10
N SER A 174 4.18 -12.50 -8.04
CA SER A 174 5.43 -13.14 -7.63
C SER A 174 6.00 -14.04 -8.73
N LYS A 175 5.11 -14.73 -9.45
CA LYS A 175 5.53 -15.65 -10.51
C LYS A 175 5.80 -14.97 -11.86
N ASP A 176 4.85 -14.16 -12.33
CA ASP A 176 4.95 -13.66 -13.71
C ASP A 176 5.06 -12.15 -13.92
N SER A 177 5.16 -11.38 -12.82
CA SER A 177 5.35 -9.93 -12.89
C SER A 177 4.20 -9.13 -13.54
N THR A 178 3.02 -9.74 -13.64
CA THR A 178 1.85 -9.03 -14.17
C THR A 178 1.03 -8.41 -13.03
N TYR A 179 0.04 -7.61 -13.41
CA TYR A 179 -0.94 -7.04 -12.49
C TYR A 179 -2.31 -7.65 -12.77
N SER A 180 -3.17 -7.59 -11.77
CA SER A 180 -4.59 -7.88 -11.97
C SER A 180 -5.41 -6.79 -11.32
N LEU A 181 -6.64 -6.63 -11.80
CA LEU A 181 -7.51 -5.56 -11.30
C LEU A 181 -8.93 -6.07 -11.10
N SER A 182 -9.56 -5.65 -10.00
CA SER A 182 -10.94 -6.01 -9.71
C SER A 182 -11.73 -4.72 -9.58
N SER A 183 -12.83 -4.62 -10.32
CA SER A 183 -13.72 -3.47 -10.21
C SER A 183 -15.11 -3.95 -9.80
N THR A 184 -15.70 -3.27 -8.84
CA THR A 184 -17.04 -3.61 -8.36
C THR A 184 -17.97 -2.45 -8.61
N LEU A 185 -19.06 -2.72 -9.33
CA LEU A 185 -20.16 -1.79 -9.50
C LEU A 185 -21.25 -2.13 -8.49
N THR A 186 -21.69 -1.14 -7.70
CA THR A 186 -22.66 -1.39 -6.64
C THR A 186 -23.99 -0.73 -6.99
N LEU A 187 -25.06 -1.50 -6.91
CA LEU A 187 -26.41 -0.96 -7.10
C LEU A 187 -27.37 -1.55 -6.10
N SER A 188 -28.51 -0.90 -5.89
CA SER A 188 -29.53 -1.50 -5.05
C SER A 188 -30.14 -2.69 -5.80
N LYS A 189 -30.71 -3.63 -5.07
CA LYS A 189 -31.46 -4.74 -5.67
C LYS A 189 -32.54 -4.22 -6.63
N ALA A 190 -33.29 -3.22 -6.16
CA ALA A 190 -34.37 -2.62 -6.97
C ALA A 190 -33.86 -2.05 -8.29
N ASP A 191 -32.73 -1.35 -8.26
CA ASP A 191 -32.16 -0.82 -9.50
C ASP A 191 -31.60 -1.93 -10.38
N TYR A 192 -30.95 -2.92 -9.75
CA TYR A 192 -30.40 -4.05 -10.51
C TYR A 192 -31.48 -4.76 -11.34
N GLU A 193 -32.64 -4.96 -10.73
CA GLU A 193 -33.74 -5.69 -11.38
C GLU A 193 -34.51 -4.87 -12.43
N LYS A 194 -34.19 -3.59 -12.55
CA LYS A 194 -34.79 -2.72 -13.57
C LYS A 194 -34.04 -2.74 -14.91
N HIS A 195 -32.87 -3.37 -14.92
CA HIS A 195 -31.99 -3.32 -16.08
C HIS A 195 -31.52 -4.68 -16.52
N LYS A 196 -31.13 -4.80 -17.79
CA LYS A 196 -30.87 -6.11 -18.40
C LYS A 196 -29.39 -6.33 -18.69
N VAL A 197 -28.76 -5.42 -19.42
CA VAL A 197 -27.41 -5.64 -19.93
C VAL A 197 -26.36 -4.97 -19.05
N TYR A 198 -25.49 -5.78 -18.45
CA TYR A 198 -24.40 -5.28 -17.60
C TYR A 198 -23.10 -5.53 -18.33
N ALA A 199 -22.34 -4.46 -18.54
CA ALA A 199 -21.15 -4.58 -19.35
C ALA A 199 -19.98 -3.85 -18.74
N CYS A 200 -18.82 -4.51 -18.84
N CYS A 200 -18.80 -4.47 -18.81
CA CYS A 200 -17.52 -3.96 -18.48
CA CYS A 200 -17.56 -3.77 -18.48
C CYS A 200 -16.68 -3.83 -19.75
C CYS A 200 -16.67 -3.79 -19.70
N GLU A 201 -16.21 -2.60 -20.06
CA GLU A 201 -15.36 -2.37 -21.23
C GLU A 201 -13.95 -2.02 -20.77
N VAL A 202 -12.97 -2.73 -21.31
CA VAL A 202 -11.58 -2.63 -20.86
C VAL A 202 -10.66 -2.15 -21.97
N THR A 203 -9.89 -1.10 -21.64
CA THR A 203 -8.89 -0.54 -22.52
C THR A 203 -7.51 -0.84 -21.94
N HIS A 204 -6.63 -1.37 -22.78
CA HIS A 204 -5.27 -1.69 -22.37
C HIS A 204 -4.40 -1.78 -23.60
N GLN A 205 -3.14 -1.39 -23.45
CA GLN A 205 -2.24 -1.30 -24.60
C GLN A 205 -2.02 -2.65 -25.29
N GLY A 206 -2.27 -3.75 -24.57
CA GLY A 206 -2.14 -5.10 -25.12
C GLY A 206 -3.31 -5.50 -26.01
N LEU A 207 -4.33 -4.64 -26.05
CA LEU A 207 -5.53 -4.89 -26.84
C LEU A 207 -5.60 -3.94 -28.04
N SER A 208 -5.91 -4.50 -29.21
CA SER A 208 -6.03 -3.72 -30.45
C SER A 208 -7.15 -2.69 -30.35
N SER A 209 -8.25 -3.09 -29.72
CA SER A 209 -9.38 -2.20 -29.43
C SER A 209 -9.98 -2.64 -28.10
N PRO A 210 -10.75 -1.77 -27.43
CA PRO A 210 -11.38 -2.16 -26.15
C PRO A 210 -12.16 -3.49 -26.22
N VAL A 211 -12.03 -4.28 -25.16
CA VAL A 211 -12.78 -5.54 -25.02
C VAL A 211 -13.97 -5.34 -24.08
N THR A 212 -15.14 -5.83 -24.47
CA THR A 212 -16.32 -5.78 -23.62
C THR A 212 -16.76 -7.17 -23.19
N LYS A 213 -16.94 -7.35 -21.89
CA LYS A 213 -17.61 -8.55 -21.37
C LYS A 213 -18.92 -8.11 -20.76
N SER A 214 -19.98 -8.87 -21.05
CA SER A 214 -21.29 -8.52 -20.56
C SER A 214 -22.08 -9.76 -20.17
N PHE A 215 -23.15 -9.53 -19.44
CA PHE A 215 -24.19 -10.54 -19.26
C PHE A 215 -25.56 -9.88 -19.31
N ASN A 216 -26.59 -10.70 -19.57
CA ASN A 216 -27.96 -10.25 -19.47
C ASN A 216 -28.55 -10.81 -18.20
N ARG A 217 -29.06 -9.93 -17.35
CA ARG A 217 -29.69 -10.36 -16.10
C ARG A 217 -30.83 -11.35 -16.38
N GLY A 218 -30.81 -12.46 -15.65
CA GLY A 218 -31.83 -13.51 -15.78
C GLY A 218 -31.74 -14.35 -17.05
N GLU A 219 -30.53 -14.76 -17.42
CA GLU A 219 -30.31 -15.54 -18.64
C GLU A 219 -29.56 -16.85 -18.36
N GLU B 1 21.80 -5.27 20.19
CA GLU B 1 21.53 -4.50 18.94
C GLU B 1 20.62 -3.31 19.24
N VAL B 2 20.66 -2.29 18.39
CA VAL B 2 19.75 -1.14 18.51
C VAL B 2 18.36 -1.59 18.05
N GLN B 3 17.36 -1.29 18.89
CA GLN B 3 15.97 -1.57 18.57
C GLN B 3 15.08 -0.37 18.93
N LEU B 4 14.21 0.02 18.00
CA LEU B 4 13.12 0.94 18.29
C LEU B 4 11.83 0.13 18.20
N VAL B 5 11.13 0.07 19.32
CA VAL B 5 9.91 -0.75 19.41
C VAL B 5 8.70 0.15 19.63
N GLN B 6 7.79 0.12 18.67
CA GLN B 6 6.59 0.92 18.74
C GLN B 6 5.39 0.16 19.31
N SER B 7 4.48 0.91 19.90
CA SER B 7 3.24 0.32 20.41
C SER B 7 2.38 -0.25 19.27
N GLY B 8 1.44 -1.12 19.62
CA GLY B 8 0.67 -1.84 18.61
C GLY B 8 -0.35 -1.01 17.86
N ALA B 9 -0.87 -1.59 16.78
CA ALA B 9 -1.91 -0.95 15.98
C ALA B 9 -3.10 -0.44 16.78
N GLU B 10 -3.61 0.72 16.37
CA GLU B 10 -4.71 1.40 17.03
C GLU B 10 -5.89 1.55 16.09
N VAL B 11 -7.08 1.19 16.56
CA VAL B 11 -8.29 1.45 15.81
C VAL B 11 -9.14 2.34 16.72
N LYS B 12 -9.37 3.56 16.28
CA LYS B 12 -9.96 4.60 17.11
C LYS B 12 -11.12 5.27 16.38
N LYS B 13 -11.93 6.00 17.13
CA LYS B 13 -13.03 6.77 16.54
C LYS B 13 -12.67 8.25 16.48
N PRO B 14 -13.24 8.99 15.51
CA PRO B 14 -13.01 10.42 15.46
C PRO B 14 -13.31 11.08 16.81
N GLY B 15 -12.45 12.04 17.19
CA GLY B 15 -12.63 12.80 18.43
C GLY B 15 -11.92 12.21 19.63
N GLU B 16 -11.46 10.98 19.51
CA GLU B 16 -10.76 10.32 20.60
C GLU B 16 -9.32 10.82 20.73
N SER B 17 -8.80 10.78 21.96
CA SER B 17 -7.37 11.06 22.15
C SER B 17 -6.55 9.80 21.92
N LEU B 18 -5.27 9.98 21.57
CA LEU B 18 -4.39 8.86 21.34
C LEU B 18 -2.96 9.25 21.60
N LYS B 19 -2.25 8.41 22.34
CA LYS B 19 -0.82 8.54 22.55
C LYS B 19 -0.18 7.23 22.12
N ILE B 20 0.77 7.32 21.19
CA ILE B 20 1.52 6.15 20.76
C ILE B 20 2.96 6.28 21.19
N SER B 21 3.67 5.16 21.32
CA SER B 21 5.01 5.15 21.94
C SER B 21 6.10 4.48 21.11
N CYS B 22 7.35 4.85 21.41
CA CYS B 22 8.53 4.35 20.73
C CYS B 22 9.61 4.20 21.78
N LYS B 23 9.92 2.94 22.13
CA LYS B 23 10.95 2.66 23.11
C LYS B 23 12.27 2.26 22.43
N GLY B 24 13.35 2.95 22.81
CA GLY B 24 14.65 2.61 22.27
C GLY B 24 15.43 1.78 23.25
N SER B 25 16.06 0.71 22.76
CA SER B 25 16.92 -0.13 23.58
C SER B 25 18.18 -0.53 22.81
N GLY B 26 19.21 -0.96 23.55
CA GLY B 26 20.49 -1.34 22.97
C GLY B 26 21.43 -0.17 22.69
N TYR B 27 21.09 0.99 23.26
CA TYR B 27 21.87 2.23 23.13
C TYR B 27 21.40 3.26 24.16
N SER B 28 22.16 4.34 24.33
CA SER B 28 21.75 5.44 25.19
C SER B 28 20.66 6.30 24.56
N PHE B 29 19.43 6.15 25.07
CA PHE B 29 18.28 6.86 24.47
C PHE B 29 18.47 8.37 24.45
N THR B 30 19.12 8.91 25.47
CA THR B 30 19.32 10.35 25.57
C THR B 30 20.45 10.89 24.69
N SER B 31 21.18 10.01 24.00
CA SER B 31 22.32 10.41 23.17
C SER B 31 21.98 10.64 21.70
N TYR B 32 20.76 10.31 21.30
CA TYR B 32 20.35 10.47 19.90
C TYR B 32 18.96 11.07 19.81
N TRP B 33 18.75 11.92 18.81
CA TRP B 33 17.42 12.46 18.55
C TRP B 33 16.50 11.38 17.95
N ILE B 34 15.20 11.52 18.20
CA ILE B 34 14.16 10.63 17.67
C ILE B 34 13.22 11.44 16.80
N GLY B 35 12.92 10.90 15.62
CA GLY B 35 12.00 11.52 14.66
C GLY B 35 10.72 10.73 14.55
N TRP B 36 9.65 11.43 14.18
CA TRP B 36 8.39 10.81 13.83
C TRP B 36 8.09 11.11 12.36
N VAL B 37 7.58 10.10 11.66
CA VAL B 37 7.35 10.15 10.22
C VAL B 37 5.97 9.58 9.94
N ARG B 38 5.16 10.32 9.17
CA ARG B 38 3.83 9.84 8.79
C ARG B 38 3.86 9.26 7.39
N GLN B 39 3.10 8.19 7.17
CA GLN B 39 2.91 7.66 5.82
C GLN B 39 1.41 7.36 5.66
N MET B 40 0.71 8.25 4.97
CA MET B 40 -0.71 8.02 4.72
C MET B 40 -0.83 6.86 3.72
N PRO B 41 -2.00 6.20 3.69
CA PRO B 41 -2.16 5.00 2.89
C PRO B 41 -1.87 5.26 1.40
N GLY B 42 -0.93 4.50 0.85
CA GLY B 42 -0.53 4.62 -0.55
C GLY B 42 0.38 5.78 -0.88
N LYS B 43 0.81 6.51 0.14
CA LYS B 43 1.53 7.76 -0.06
C LYS B 43 2.97 7.67 0.45
N GLY B 44 3.68 8.80 0.35
CA GLY B 44 5.09 8.87 0.72
C GLY B 44 5.33 9.16 2.19
N LEU B 45 6.61 9.27 2.53
CA LEU B 45 7.03 9.59 3.89
C LEU B 45 6.98 11.08 4.14
N GLU B 46 6.50 11.48 5.31
CA GLU B 46 6.45 12.90 5.70
C GLU B 46 7.15 13.10 7.04
N TRP B 47 8.13 13.97 7.10
CA TRP B 47 8.84 14.24 8.36
C TRP B 47 7.93 15.08 9.25
N MET B 48 7.61 14.58 10.44
CA MET B 48 6.73 15.30 11.36
C MET B 48 7.46 16.19 12.36
N GLY B 49 8.57 15.68 12.89
CA GLY B 49 9.31 16.43 13.89
C GLY B 49 10.30 15.52 14.57
N ILE B 50 11.18 16.12 15.37
CA ILE B 50 12.19 15.38 16.12
C ILE B 50 12.24 15.89 17.56
N ILE B 51 12.75 15.04 18.45
CA ILE B 51 12.93 15.41 19.83
C ILE B 51 14.27 14.90 20.34
N ASP B 52 14.94 15.72 21.15
CA ASP B 52 16.12 15.35 21.89
C ASP B 52 15.66 14.82 23.24
N PRO B 53 15.72 13.48 23.47
CA PRO B 53 15.23 12.98 24.77
C PRO B 53 16.01 13.47 25.99
N SER B 54 17.24 13.95 25.81
CA SER B 54 18.02 14.47 26.94
C SER B 54 17.34 15.66 27.63
N ASP B 55 16.72 16.56 26.85
CA ASP B 55 16.12 17.78 27.39
C ASP B 55 14.74 18.13 26.85
N SER B 56 14.20 17.25 26.00
CA SER B 56 12.92 17.45 25.31
C SER B 56 12.89 18.67 24.39
N ASP B 57 14.05 19.10 23.91
CA ASP B 57 14.18 20.06 22.80
C ASP B 57 13.45 19.42 21.63
N THR B 58 12.36 20.06 21.17
CA THR B 58 11.48 19.48 20.15
C THR B 58 11.38 20.43 18.97
N ARG B 59 11.58 19.89 17.76
CA ARG B 59 11.46 20.67 16.53
C ARG B 59 10.38 20.06 15.65
N TYR B 60 9.37 20.85 15.31
CA TYR B 60 8.24 20.41 14.49
C TYR B 60 8.29 20.89 13.04
N SER B 61 7.83 20.05 12.12
CA SER B 61 7.41 20.51 10.81
C SER B 61 6.25 21.48 10.95
N PRO B 62 6.24 22.56 10.14
CA PRO B 62 5.13 23.52 10.22
C PRO B 62 3.78 22.88 9.86
N SER B 63 3.82 21.79 9.10
CA SER B 63 2.63 21.02 8.72
C SER B 63 2.02 20.26 9.91
N PHE B 64 2.81 20.09 10.97
CA PHE B 64 2.36 19.29 12.11
C PHE B 64 2.31 20.02 13.44
N GLN B 65 3.01 21.16 13.54
CA GLN B 65 3.00 21.96 14.76
C GLN B 65 1.56 22.38 15.07
N GLY B 66 1.17 22.23 16.33
CA GLY B 66 -0.22 22.51 16.75
C GLY B 66 -1.19 21.37 16.48
N GLN B 67 -0.78 20.38 15.71
CA GLN B 67 -1.68 19.28 15.36
C GLN B 67 -1.41 18.04 16.20
N VAL B 68 -0.15 17.88 16.61
CA VAL B 68 0.30 16.73 17.39
C VAL B 68 1.28 17.23 18.43
N THR B 69 1.49 16.44 19.47
CA THR B 69 2.52 16.74 20.46
C THR B 69 3.51 15.60 20.46
N ILE B 70 4.79 15.93 20.31
CA ILE B 70 5.88 14.98 20.46
C ILE B 70 6.49 15.19 21.82
N SER B 71 6.77 14.10 22.53
CA SER B 71 7.32 14.19 23.88
C SER B 71 8.21 12.98 24.17
N ALA B 72 8.88 12.99 25.31
CA ALA B 72 9.75 11.89 25.70
C ALA B 72 9.79 11.72 27.20
N ASP B 73 9.92 10.47 27.62
CA ASP B 73 10.16 10.12 29.02
C ASP B 73 11.49 9.37 29.06
N LYS B 74 12.54 10.12 29.36
CA LYS B 74 13.90 9.56 29.32
C LYS B 74 14.12 8.47 30.37
N SER B 75 13.38 8.52 31.46
CA SER B 75 13.53 7.52 32.53
C SER B 75 13.19 6.10 32.06
N ILE B 76 12.32 5.98 31.05
CA ILE B 76 11.98 4.68 30.47
C ILE B 76 12.35 4.56 28.98
N SER B 77 13.26 5.43 28.53
CA SER B 77 13.80 5.39 27.17
C SER B 77 12.69 5.38 26.09
N THR B 78 11.66 6.21 26.29
CA THR B 78 10.49 6.18 25.40
C THR B 78 10.14 7.58 24.87
N ALA B 79 9.84 7.63 23.58
CA ALA B 79 9.31 8.84 22.95
C ALA B 79 7.84 8.64 22.58
N TYR B 80 7.10 9.73 22.43
CA TYR B 80 5.67 9.63 22.19
C TYR B 80 5.20 10.61 21.14
N LEU B 81 4.08 10.24 20.51
CA LEU B 81 3.36 11.09 19.59
C LEU B 81 1.92 11.05 20.05
N GLN B 82 1.28 12.21 20.16
CA GLN B 82 -0.10 12.23 20.65
C GLN B 82 -1.00 13.25 19.99
N TRP B 83 -2.29 12.90 19.94
CA TRP B 83 -3.34 13.76 19.42
C TRP B 83 -4.38 13.94 20.52
N SER B 84 -4.92 15.14 20.62
CA SER B 84 -5.96 15.39 21.61
C SER B 84 -7.33 14.94 21.05
N SER B 85 -7.50 15.07 19.74
CA SER B 85 -8.77 14.76 19.09
C SER B 85 -8.53 14.28 17.66
N LEU B 86 -8.61 12.96 17.46
CA LEU B 86 -8.33 12.36 16.15
C LEU B 86 -9.36 12.70 15.08
N LYS B 87 -8.89 12.79 13.84
CA LYS B 87 -9.75 12.91 12.67
C LYS B 87 -9.55 11.67 11.80
N ALA B 88 -10.55 11.32 10.99
CA ALA B 88 -10.39 10.22 10.04
C ALA B 88 -9.14 10.38 9.15
N SER B 89 -8.82 11.63 8.82
CA SER B 89 -7.65 11.97 8.00
C SER B 89 -6.29 11.69 8.68
N ASP B 90 -6.30 11.38 9.97
CA ASP B 90 -5.09 10.94 10.67
C ASP B 90 -4.77 9.47 10.43
N THR B 91 -5.64 8.77 9.69
CA THR B 91 -5.42 7.37 9.36
C THR B 91 -4.14 7.25 8.55
N ALA B 92 -3.18 6.53 9.10
CA ALA B 92 -1.85 6.43 8.50
C ALA B 92 -0.96 5.48 9.29
N MET B 93 0.17 5.13 8.70
CA MET B 93 1.24 4.48 9.43
C MET B 93 2.14 5.55 10.00
N TYR B 94 2.55 5.37 11.25
CA TYR B 94 3.46 6.32 11.94
C TYR B 94 4.72 5.57 12.33
N TYR B 95 5.86 6.07 11.87
CA TYR B 95 7.16 5.50 12.24
C TYR B 95 7.88 6.42 13.17
N CYS B 96 8.56 5.83 14.13
CA CYS B 96 9.63 6.57 14.79
C CYS B 96 10.94 6.10 14.22
N ALA B 97 11.95 6.97 14.31
CA ALA B 97 13.26 6.64 13.77
C ALA B 97 14.34 7.39 14.52
N ARG B 98 15.52 6.80 14.57
CA ARG B 98 16.63 7.43 15.27
C ARG B 98 17.49 8.23 14.32
N VAL B 99 17.76 9.48 14.69
CA VAL B 99 18.74 10.29 13.95
C VAL B 99 20.14 9.76 14.28
N GLY B 100 20.93 9.50 13.25
CA GLY B 100 22.29 8.98 13.42
C GLY B 100 23.22 9.93 14.15
N PRO B 101 24.44 9.45 14.44
CA PRO B 101 25.39 10.18 15.28
C PRO B 101 26.17 11.38 14.69
N ALA B 102 26.04 11.67 13.40
CA ALA B 102 26.82 12.77 12.77
C ALA B 102 26.72 14.10 13.55
N ASP B 103 27.75 14.94 13.43
CA ASP B 103 27.91 16.12 14.31
C ASP B 103 26.93 17.28 14.08
N VAL B 104 26.31 17.35 12.89
CA VAL B 104 25.24 18.34 12.67
C VAL B 104 23.88 17.62 12.68
N TRP B 105 23.30 17.35 11.51
CA TRP B 105 22.17 16.44 11.49
C TRP B 105 22.60 15.17 10.77
N ASP B 106 21.73 14.16 10.75
CA ASP B 106 22.09 12.89 10.14
C ASP B 106 20.84 12.26 9.59
N SER B 107 21.03 11.21 8.78
CA SER B 107 19.96 10.38 8.30
C SER B 107 19.31 9.61 9.47
N PHE B 108 18.20 8.93 9.18
CA PHE B 108 17.58 8.02 10.16
C PHE B 108 18.19 6.63 10.03
N ASP B 109 19.06 6.26 10.98
CA ASP B 109 19.81 5.00 10.85
C ASP B 109 19.06 3.75 11.30
N TYR B 110 18.13 3.90 12.23
CA TYR B 110 17.30 2.80 12.71
C TYR B 110 15.86 3.29 12.74
N TRP B 111 14.93 2.39 12.41
CA TRP B 111 13.50 2.70 12.34
C TRP B 111 12.72 1.76 13.22
N GLY B 112 11.66 2.27 13.84
CA GLY B 112 10.64 1.44 14.47
C GLY B 112 9.87 0.65 13.43
N GLN B 113 9.05 -0.30 13.89
CA GLN B 113 8.34 -1.16 12.95
C GLN B 113 7.07 -0.52 12.41
N GLY B 114 6.74 0.66 12.94
CA GLY B 114 5.53 1.36 12.55
C GLY B 114 4.38 1.04 13.47
N THR B 115 3.54 2.05 13.69
CA THR B 115 2.24 1.90 14.35
C THR B 115 1.16 2.30 13.37
N LEU B 116 0.30 1.35 13.01
CA LEU B 116 -0.82 1.68 12.15
C LEU B 116 -1.95 2.28 12.98
N VAL B 117 -2.42 3.44 12.58
CA VAL B 117 -3.54 4.13 13.22
C VAL B 117 -4.68 4.25 12.23
N THR B 118 -5.81 3.62 12.57
CA THR B 118 -7.01 3.69 11.75
C THR B 118 -8.06 4.47 12.53
N VAL B 119 -8.58 5.53 11.93
CA VAL B 119 -9.59 6.38 12.58
C VAL B 119 -10.89 6.32 11.78
N SER B 120 -11.94 5.82 12.42
CA SER B 120 -13.21 5.57 11.74
C SER B 120 -14.33 5.53 12.74
N SER B 121 -15.52 5.93 12.28
CA SER B 121 -16.75 5.81 13.08
CA SER B 121 -16.75 5.81 13.08
C SER B 121 -17.27 4.38 13.11
N ALA B 122 -16.77 3.52 12.21
CA ALA B 122 -17.24 2.14 12.15
C ALA B 122 -16.90 1.31 13.39
N SER B 123 -17.66 0.24 13.60
CA SER B 123 -17.41 -0.73 14.66
C SER B 123 -17.05 -2.09 14.06
N THR B 124 -16.38 -2.91 14.86
CA THR B 124 -15.98 -4.25 14.45
C THR B 124 -17.17 -5.01 13.87
N LYS B 125 -16.96 -5.62 12.71
CA LYS B 125 -18.00 -6.35 12.01
C LYS B 125 -17.37 -7.36 11.07
N GLY B 126 -17.85 -8.60 11.17
CA GLY B 126 -17.41 -9.66 10.28
C GLY B 126 -18.06 -9.58 8.91
N PRO B 127 -17.40 -10.17 7.91
CA PRO B 127 -17.91 -10.10 6.54
C PRO B 127 -19.04 -11.06 6.20
N SER B 128 -19.80 -10.68 5.17
CA SER B 128 -20.60 -11.63 4.44
C SER B 128 -19.77 -12.10 3.25
N VAL B 129 -19.86 -13.40 2.92
CA VAL B 129 -19.10 -13.97 1.82
C VAL B 129 -20.04 -14.47 0.72
N PHE B 130 -19.83 -13.96 -0.50
CA PHE B 130 -20.67 -14.31 -1.64
C PHE B 130 -19.82 -14.96 -2.74
N PRO B 131 -20.40 -15.91 -3.50
CA PRO B 131 -19.62 -16.53 -4.56
C PRO B 131 -19.53 -15.66 -5.81
N LEU B 132 -18.39 -15.76 -6.47
CA LEU B 132 -18.20 -15.27 -7.83
C LEU B 132 -18.12 -16.53 -8.69
N ALA B 133 -19.29 -16.95 -9.19
CA ALA B 133 -19.40 -18.27 -9.80
C ALA B 133 -18.78 -18.30 -11.21
N PRO B 134 -18.12 -19.42 -11.57
CA PRO B 134 -17.54 -19.46 -12.92
C PRO B 134 -18.66 -19.42 -13.97
N SER B 135 -18.47 -18.58 -15.00
CA SER B 135 -19.48 -18.35 -16.05
C SER B 135 -19.76 -19.62 -16.86
N GLY B 142 -9.41 -22.78 -22.52
CA GLY B 142 -9.89 -23.70 -21.49
C GLY B 142 -9.57 -23.22 -20.09
N THR B 143 -9.71 -21.90 -19.87
CA THR B 143 -9.48 -21.30 -18.56
C THR B 143 -10.76 -20.65 -18.02
N ALA B 144 -11.08 -20.94 -16.76
CA ALA B 144 -12.22 -20.32 -16.07
C ALA B 144 -11.78 -19.55 -14.83
N ALA B 145 -12.43 -18.42 -14.57
CA ALA B 145 -12.20 -17.66 -13.34
C ALA B 145 -13.37 -17.82 -12.39
N LEU B 146 -13.06 -17.94 -11.11
CA LEU B 146 -14.09 -17.96 -10.08
C LEU B 146 -13.52 -17.25 -8.85
N GLY B 147 -14.35 -16.99 -7.86
CA GLY B 147 -13.84 -16.34 -6.67
C GLY B 147 -14.85 -16.15 -5.57
N CYS B 148 -14.47 -15.32 -4.60
N CYS B 148 -14.50 -15.33 -4.60
CA CYS B 148 -15.31 -14.95 -3.46
CA CYS B 148 -15.46 -14.95 -3.58
C CYS B 148 -15.29 -13.45 -3.29
C CYS B 148 -15.30 -13.49 -3.20
N LEU B 149 -16.45 -12.87 -2.99
CA LEU B 149 -16.56 -11.47 -2.62
C LEU B 149 -16.76 -11.45 -1.12
N VAL B 150 -15.83 -10.77 -0.43
CA VAL B 150 -15.82 -10.68 1.03
C VAL B 150 -16.24 -9.27 1.40
N LYS B 151 -17.50 -9.12 1.80
CA LYS B 151 -18.13 -7.80 1.81
C LYS B 151 -18.49 -7.30 3.21
N ASP B 152 -18.28 -6.00 3.44
CA ASP B 152 -18.85 -5.30 4.60
C ASP B 152 -18.26 -5.73 5.95
N TYR B 153 -16.94 -5.58 6.06
CA TYR B 153 -16.27 -5.93 7.31
C TYR B 153 -15.44 -4.76 7.80
N PHE B 154 -15.11 -4.80 9.09
CA PHE B 154 -14.28 -3.77 9.69
C PHE B 154 -13.67 -4.33 10.95
N PRO B 155 -12.40 -4.00 11.23
CA PRO B 155 -11.41 -3.29 10.43
C PRO B 155 -10.66 -4.27 9.56
N GLU B 156 -9.68 -3.77 8.81
CA GLU B 156 -8.73 -4.65 8.14
C GLU B 156 -7.87 -5.41 9.16
N PRO B 157 -7.26 -6.54 8.75
CA PRO B 157 -7.36 -7.27 7.50
C PRO B 157 -8.28 -8.49 7.56
N VAL B 158 -8.47 -9.07 6.39
CA VAL B 158 -9.11 -10.38 6.27
C VAL B 158 -8.13 -11.26 5.46
N THR B 159 -8.07 -12.56 5.73
CA THR B 159 -7.28 -13.43 4.85
C THR B 159 -8.17 -14.42 4.14
N VAL B 160 -7.74 -14.80 2.96
CA VAL B 160 -8.47 -15.75 2.15
C VAL B 160 -7.46 -16.78 1.68
N SER B 161 -7.83 -18.05 1.84
CA SER B 161 -7.12 -19.12 1.18
C SER B 161 -8.12 -19.91 0.34
N TRP B 162 -7.61 -20.82 -0.46
CA TRP B 162 -8.45 -21.63 -1.33
C TRP B 162 -8.15 -23.11 -1.08
N ASN B 163 -9.22 -23.89 -0.93
CA ASN B 163 -9.12 -25.34 -0.71
C ASN B 163 -8.17 -25.68 0.44
N SER B 164 -8.30 -24.92 1.53
CA SER B 164 -7.50 -25.09 2.76
C SER B 164 -5.99 -24.93 2.56
N GLY B 165 -5.59 -24.16 1.54
CA GLY B 165 -4.18 -23.92 1.23
C GLY B 165 -3.61 -24.78 0.11
N ALA B 166 -4.38 -25.79 -0.31
CA ALA B 166 -3.97 -26.70 -1.38
C ALA B 166 -3.92 -26.01 -2.76
N LEU B 167 -4.78 -25.02 -2.97
CA LEU B 167 -4.82 -24.28 -4.22
C LEU B 167 -4.19 -22.91 -4.01
N THR B 168 -3.03 -22.68 -4.61
CA THR B 168 -2.30 -21.42 -4.49
C THR B 168 -2.00 -20.80 -5.85
N SER B 169 -1.85 -21.67 -6.85
CA SER B 169 -1.53 -21.26 -8.21
C SER B 169 -2.71 -20.53 -8.84
N GLY B 170 -2.46 -19.33 -9.36
CA GLY B 170 -3.46 -18.57 -10.08
C GLY B 170 -4.41 -17.77 -9.20
N VAL B 171 -4.12 -17.73 -7.91
CA VAL B 171 -4.95 -16.99 -6.92
C VAL B 171 -4.54 -15.54 -6.88
N HIS B 172 -5.53 -14.64 -6.89
CA HIS B 172 -5.29 -13.22 -6.62
C HIS B 172 -6.25 -12.72 -5.58
N THR B 173 -5.72 -12.29 -4.45
CA THR B 173 -6.54 -11.68 -3.42
C THR B 173 -6.23 -10.20 -3.46
N PHE B 174 -7.25 -9.42 -3.80
CA PHE B 174 -7.07 -7.99 -4.07
C PHE B 174 -7.02 -7.15 -2.80
N PRO B 175 -6.37 -5.97 -2.88
CA PRO B 175 -6.47 -5.03 -1.77
C PRO B 175 -7.93 -4.68 -1.53
N ALA B 176 -8.30 -4.51 -0.26
CA ALA B 176 -9.67 -4.10 0.02
C ALA B 176 -9.92 -2.67 -0.42
N VAL B 177 -11.18 -2.39 -0.71
CA VAL B 177 -11.65 -1.01 -0.93
C VAL B 177 -12.47 -0.61 0.29
N LEU B 178 -12.34 0.67 0.66
CA LEU B 178 -13.15 1.23 1.73
C LEU B 178 -14.40 1.83 1.12
N GLN B 179 -15.55 1.29 1.47
CA GLN B 179 -16.80 1.77 0.91
C GLN B 179 -17.29 3.01 1.65
N SER B 180 -18.26 3.72 1.06
CA SER B 180 -18.78 4.94 1.69
C SER B 180 -19.47 4.68 3.05
N SER B 181 -19.92 3.44 3.27
CA SER B 181 -20.47 3.01 4.56
C SER B 181 -19.43 2.94 5.69
N GLY B 182 -18.15 3.03 5.33
CA GLY B 182 -17.07 2.86 6.29
C GLY B 182 -16.64 1.41 6.48
N LEU B 183 -17.27 0.50 5.75
CA LEU B 183 -16.90 -0.91 5.79
C LEU B 183 -16.08 -1.25 4.55
N TYR B 184 -15.22 -2.25 4.70
CA TYR B 184 -14.35 -2.72 3.62
C TYR B 184 -14.99 -3.82 2.82
N SER B 185 -14.51 -3.97 1.59
CA SER B 185 -14.90 -5.07 0.73
C SER B 185 -13.70 -5.51 -0.08
N LEU B 186 -13.56 -6.82 -0.26
CA LEU B 186 -12.46 -7.37 -0.99
C LEU B 186 -12.94 -8.53 -1.87
N SER B 187 -12.25 -8.76 -2.99
CA SER B 187 -12.47 -9.99 -3.76
C SER B 187 -11.20 -10.84 -3.78
N SER B 188 -11.41 -12.16 -3.87
CA SER B 188 -10.34 -13.10 -4.10
C SER B 188 -10.75 -14.01 -5.25
N VAL B 189 -9.87 -14.16 -6.23
CA VAL B 189 -10.19 -14.93 -7.44
C VAL B 189 -9.14 -15.98 -7.70
N VAL B 190 -9.51 -16.96 -8.51
CA VAL B 190 -8.56 -17.97 -9.00
C VAL B 190 -8.95 -18.35 -10.42
N THR B 191 -7.94 -18.60 -11.26
CA THR B 191 -8.20 -19.14 -12.58
C THR B 191 -7.82 -20.62 -12.57
N VAL B 192 -8.67 -21.42 -13.19
CA VAL B 192 -8.54 -22.89 -13.20
C VAL B 192 -8.92 -23.47 -14.58
N PRO B 193 -8.53 -24.72 -14.87
CA PRO B 193 -8.99 -25.36 -16.11
C PRO B 193 -10.52 -25.45 -16.18
N SER B 194 -11.10 -24.98 -17.28
CA SER B 194 -12.53 -25.10 -17.52
C SER B 194 -13.04 -26.54 -17.34
N SER B 195 -12.19 -27.51 -17.69
CA SER B 195 -12.56 -28.93 -17.63
C SER B 195 -12.73 -29.45 -16.19
N SER B 196 -12.09 -28.78 -15.24
CA SER B 196 -12.10 -29.19 -13.83
C SER B 196 -13.37 -28.80 -13.09
N LEU B 197 -14.17 -27.90 -13.68
CA LEU B 197 -15.34 -27.31 -13.01
C LEU B 197 -16.43 -28.34 -12.63
N GLY B 198 -16.50 -29.44 -13.37
CA GLY B 198 -17.48 -30.49 -13.10
C GLY B 198 -17.06 -31.46 -12.02
N THR B 199 -15.75 -31.59 -11.80
CA THR B 199 -15.20 -32.59 -10.90
C THR B 199 -14.51 -32.02 -9.66
N GLN B 200 -13.89 -30.85 -9.79
CA GLN B 200 -13.10 -30.26 -8.71
C GLN B 200 -13.93 -29.28 -7.86
N THR B 201 -13.84 -29.46 -6.54
CA THR B 201 -14.49 -28.56 -5.58
C THR B 201 -13.58 -27.37 -5.28
N TYR B 202 -14.17 -26.18 -5.27
CA TYR B 202 -13.45 -24.95 -4.94
C TYR B 202 -14.12 -24.27 -3.75
N ILE B 203 -13.36 -24.10 -2.69
CA ILE B 203 -13.84 -23.50 -1.45
C ILE B 203 -12.92 -22.36 -1.05
N CYS B 204 -13.47 -21.17 -0.82
CA CYS B 204 -12.63 -20.13 -0.27
C CYS B 204 -12.79 -20.09 1.26
N ASN B 205 -11.64 -19.98 1.93
CA ASN B 205 -11.60 -19.99 3.38
C ASN B 205 -11.28 -18.59 3.82
N VAL B 206 -12.26 -17.96 4.47
CA VAL B 206 -12.17 -16.56 4.87
C VAL B 206 -11.99 -16.49 6.38
N ASN B 207 -11.00 -15.72 6.84
CA ASN B 207 -10.80 -15.52 8.27
C ASN B 207 -10.63 -14.04 8.55
N HIS B 208 -11.63 -13.47 9.20
CA HIS B 208 -11.55 -12.10 9.65
C HIS B 208 -11.23 -12.14 11.13
N LYS B 209 -9.94 -12.12 11.43
CA LYS B 209 -9.52 -12.31 12.82
C LYS B 209 -10.04 -11.26 13.79
N PRO B 210 -10.04 -9.95 13.40
CA PRO B 210 -10.54 -8.95 14.36
C PRO B 210 -11.95 -9.18 14.93
N SER B 211 -12.83 -9.86 14.17
CA SER B 211 -14.18 -10.17 14.64
C SER B 211 -14.33 -11.66 15.02
N ASN B 212 -13.23 -12.41 14.92
CA ASN B 212 -13.23 -13.86 15.11
C ASN B 212 -14.26 -14.56 14.21
N THR B 213 -14.33 -14.14 12.94
CA THR B 213 -15.29 -14.67 11.98
C THR B 213 -14.59 -15.53 10.92
N LYS B 214 -14.93 -16.83 10.87
CA LYS B 214 -14.43 -17.73 9.85
C LYS B 214 -15.60 -18.24 9.01
N VAL B 215 -15.42 -18.23 7.69
CA VAL B 215 -16.42 -18.73 6.75
C VAL B 215 -15.74 -19.53 5.67
N ASP B 216 -16.28 -20.71 5.39
CA ASP B 216 -15.84 -21.49 4.23
C ASP B 216 -16.99 -21.48 3.23
N LYS B 217 -16.69 -20.99 2.03
CA LYS B 217 -17.69 -20.82 0.97
C LYS B 217 -17.32 -21.65 -0.25
N LYS B 218 -18.17 -22.64 -0.53
CA LYS B 218 -18.04 -23.42 -1.77
C LYS B 218 -18.53 -22.58 -2.95
N VAL B 219 -17.72 -22.54 -4.01
CA VAL B 219 -18.06 -21.78 -5.21
C VAL B 219 -18.21 -22.76 -6.38
N GLU B 220 -19.39 -22.77 -6.99
CA GLU B 220 -19.66 -23.72 -8.08
C GLU B 220 -20.38 -23.05 -9.26
N PRO B 221 -20.33 -23.68 -10.46
CA PRO B 221 -21.16 -23.17 -11.56
C PRO B 221 -22.63 -23.09 -11.16
N LYS B 222 -23.29 -21.99 -11.54
CA LYS B 222 -24.67 -21.75 -11.15
C LYS B 222 -25.66 -22.51 -12.03
N SER B 223 -26.68 -23.07 -11.40
CA SER B 223 -27.74 -23.81 -12.09
C SER B 223 -29.05 -23.02 -12.07
N1 EPE C . 22.94 18.85 16.27
C2 EPE C . 21.85 18.10 16.88
C3 EPE C . 21.93 16.68 16.37
N4 EPE C . 23.28 16.11 16.40
C5 EPE C . 24.44 16.91 16.77
C6 EPE C . 24.24 18.42 16.82
C7 EPE C . 23.44 14.68 16.32
C8 EPE C . 22.49 14.02 15.32
O8 EPE C . 22.98 14.10 14.00
C9 EPE C . 22.85 20.31 16.47
C10 EPE C . 21.52 20.84 16.98
S EPE C . 21.47 22.66 16.84
O1S EPE C . 22.65 23.21 17.47
O2S EPE C . 21.48 23.00 15.41
O3S EPE C . 20.27 23.23 17.46
N1 EPE D . 5.36 15.21 0.83
C2 EPE D . 5.66 13.77 0.68
C3 EPE D . 4.56 13.01 -0.05
N4 EPE D . 4.00 13.73 -1.18
C5 EPE D . 3.89 15.19 -1.17
C6 EPE D . 5.08 15.85 -0.47
C7 EPE D . 3.52 13.00 -2.34
C8 EPE D . 2.37 12.05 -2.02
O8 EPE D . 2.93 10.81 -1.61
C9 EPE D . 6.47 15.94 1.49
C10 EPE D . 7.43 15.08 2.30
S EPE D . 7.99 15.96 3.78
O1S EPE D . 8.41 17.32 3.43
O2S EPE D . 9.08 15.20 4.39
O3S EPE D . 6.83 16.05 4.67
C1 GOL E . -12.92 -4.05 -5.88
O1 GOL E . -13.53 -5.07 -6.65
C2 GOL E . -12.36 -4.59 -4.55
O2 GOL E . -13.40 -4.79 -3.60
C3 GOL E . -11.55 -5.87 -4.70
O3 GOL E . -10.86 -6.15 -3.49
C1 GOL F . 26.19 7.38 10.74
O1 GOL F . 26.32 8.77 10.56
C2 GOL F . 25.38 6.77 9.61
O2 GOL F . 25.50 5.36 9.67
C3 GOL F . 23.91 7.16 9.75
O3 GOL F . 23.58 8.10 8.76
C1 GOL G . -9.13 6.51 25.51
O1 GOL G . -9.79 5.37 25.00
C2 GOL G . -9.27 7.68 24.53
O2 GOL G . -9.03 7.26 23.21
C3 GOL G . -10.65 8.30 24.62
O3 GOL G . -10.62 9.54 23.95
#